data_9DU8
#
_entry.id   9DU8
#
_cell.length_a   57.375
_cell.length_b   79.335
_cell.length_c   91.822
_cell.angle_alpha   90.00
_cell.angle_beta   90.00
_cell.angle_gamma   90.00
#
_symmetry.space_group_name_H-M   'P 21 21 21'
#
loop_
_entity.id
_entity.type
_entity.pdbx_description
1 polymer 'ADP-ribose pyrophosphatase'
2 non-polymer 'MAGNESIUM ION'
3 non-polymer "ADENOSINE-5'-DIPHOSPHATE"
4 water water
#
_entity_poly.entity_id   1
_entity_poly.type   'polypeptide(L)'
_entity_poly.pdbx_seq_one_letter_code
;MAHHHHHHMSKPTQQGITFSKNDVEIIARETLYRGFFSLDLYRFRHRLFNGGMSGEITREIFERGHAAVLLPFDPVRDEV
VLVEQIRIAAYDTSESPWLLEMVAGMIEAGETVEDVARREALEEAGLEVGRTKPILSYLASPGGTSERLSILVGEVDAST
AKGIHGLAEENEDIRVHVVSREQAYQWVEEGKIDNAASVIALQWLQLHYHNLRNEWTK
;
_entity_poly.pdbx_strand_id   A,B
#
loop_
_chem_comp.id
_chem_comp.type
_chem_comp.name
_chem_comp.formula
ADP non-polymer ADENOSINE-5'-DIPHOSPHATE 'C10 H15 N5 O10 P2'
MG non-polymer 'MAGNESIUM ION' 'Mg 2'
#
# COMPACT_ATOMS: atom_id res chain seq x y z
N GLY A 16 -0.22 1.39 23.04
CA GLY A 16 0.49 1.77 21.83
C GLY A 16 1.92 1.26 21.79
N ILE A 17 2.75 1.87 20.92
CA ILE A 17 4.10 1.36 20.70
C ILE A 17 4.96 1.55 21.95
N THR A 18 6.05 0.79 22.01
CA THR A 18 6.88 0.67 23.21
C THR A 18 8.11 1.56 23.20
N PHE A 19 8.69 1.83 22.03
CA PHE A 19 9.99 2.45 21.92
C PHE A 19 9.90 3.61 20.95
N SER A 20 10.85 4.52 21.09
CA SER A 20 10.91 5.78 20.35
C SER A 20 12.26 5.87 19.64
N LYS A 21 12.49 7.01 18.99
CA LYS A 21 13.79 7.24 18.38
C LYS A 21 14.93 7.35 19.38
N ASN A 22 14.63 7.54 20.67
CA ASN A 22 15.69 7.45 21.68
C ASN A 22 16.26 6.04 21.79
N ASP A 23 15.54 5.03 21.26
CA ASP A 23 15.83 3.63 21.49
C ASP A 23 16.48 2.94 20.30
N VAL A 24 16.84 3.70 19.27
CA VAL A 24 17.48 3.16 18.07
C VAL A 24 18.58 4.13 17.66
N GLU A 25 19.70 3.60 17.22
CA GLU A 25 20.74 4.40 16.60
C GLU A 25 21.04 3.85 15.21
N ILE A 26 20.93 4.70 14.20
CA ILE A 26 21.39 4.37 12.86
C ILE A 26 22.87 4.74 12.81
N ILE A 27 23.72 3.74 12.65
CA ILE A 27 25.17 3.92 12.69
C ILE A 27 25.67 4.52 11.38
N ALA A 28 25.11 4.06 10.26
CA ALA A 28 25.55 4.48 8.94
C ALA A 28 24.48 4.05 7.95
N ARG A 29 24.52 4.64 6.76
CA ARG A 29 23.76 4.20 5.61
C ARG A 29 24.73 4.08 4.45
N GLU A 30 24.65 3.01 3.69
CA GLU A 30 25.53 2.81 2.55
C GLU A 30 24.70 2.78 1.29
N THR A 31 25.09 3.53 0.26
CA THR A 31 24.40 3.45 -1.03
C THR A 31 24.81 2.16 -1.73
N LEU A 32 23.86 1.25 -1.88
CA LEU A 32 24.06 0.01 -2.61
C LEU A 32 23.88 0.20 -4.10
N TYR A 33 22.96 1.08 -4.48
CA TYR A 33 22.70 1.40 -5.88
C TYR A 33 22.23 2.83 -5.94
N ARG A 34 22.78 3.60 -6.88
CA ARG A 34 22.31 4.95 -7.15
C ARG A 34 21.99 5.08 -8.63
N GLY A 35 20.73 5.35 -8.94
CA GLY A 35 20.29 5.59 -10.30
C GLY A 35 19.15 6.57 -10.27
N PHE A 36 18.05 6.28 -10.95
CA PHE A 36 16.88 7.14 -10.82
C PHE A 36 16.38 7.12 -9.38
N PHE A 37 16.34 5.94 -8.80
CA PHE A 37 16.08 5.71 -7.39
C PHE A 37 17.37 5.20 -6.74
N SER A 38 17.30 4.94 -5.44
CA SER A 38 18.45 4.42 -4.71
C SER A 38 18.03 3.22 -3.87
N LEU A 39 19.00 2.39 -3.58
CA LEU A 39 18.85 1.33 -2.59
C LEU A 39 19.96 1.55 -1.58
N ASP A 40 19.60 1.64 -0.31
CA ASP A 40 20.53 1.94 0.77
C ASP A 40 20.56 0.80 1.78
N LEU A 41 21.72 0.54 2.34
CA LEU A 41 21.84 -0.37 3.48
C LEU A 41 21.85 0.48 4.75
N TYR A 42 20.83 0.33 5.58
CA TYR A 42 20.83 0.97 6.90
C TYR A 42 21.50 0.01 7.88
N ARG A 43 22.45 0.53 8.66
CA ARG A 43 23.11 -0.22 9.73
C ARG A 43 22.68 0.42 11.04
N PHE A 44 22.14 -0.38 11.96
CA PHE A 44 21.53 0.20 13.15
C PHE A 44 21.52 -0.80 14.29
N ARG A 45 21.36 -0.27 15.50
CA ARG A 45 21.08 -1.07 16.68
C ARG A 45 19.81 -0.55 17.32
N HIS A 46 19.13 -1.40 18.08
CA HIS A 46 17.87 -0.99 18.67
C HIS A 46 17.57 -1.81 19.91
N ARG A 47 16.75 -1.22 20.78
CA ARG A 47 16.32 -1.92 21.98
C ARG A 47 15.41 -3.09 21.63
N LEU A 48 15.49 -4.13 22.46
CA LEU A 48 14.72 -5.34 22.31
C LEU A 48 13.63 -5.37 23.38
N PHE A 49 12.52 -6.03 23.05
CA PHE A 49 11.41 -6.10 23.99
C PHE A 49 11.80 -6.82 25.28
N ASN A 50 12.77 -7.74 25.23
CA ASN A 50 13.22 -8.46 26.42
C ASN A 50 14.10 -7.64 27.35
N GLY A 51 14.43 -6.40 27.00
CA GLY A 51 15.19 -5.51 27.86
C GLY A 51 16.60 -5.25 27.42
N GLY A 52 17.11 -5.97 26.43
CA GLY A 52 18.46 -5.78 25.96
C GLY A 52 18.56 -4.85 24.76
N MET A 53 19.78 -4.78 24.23
CA MET A 53 20.09 -4.09 22.99
C MET A 53 20.43 -5.13 21.93
N SER A 54 19.97 -4.89 20.70
CA SER A 54 20.38 -5.73 19.59
C SER A 54 21.86 -5.51 19.29
N GLY A 55 22.42 -6.43 18.51
CA GLY A 55 23.67 -6.17 17.82
C GLY A 55 23.42 -5.25 16.63
N GLU A 56 24.42 -5.11 15.78
CA GLU A 56 24.26 -4.31 14.57
C GLU A 56 23.43 -5.10 13.57
N ILE A 57 22.32 -4.50 13.14
CA ILE A 57 21.39 -5.05 12.16
C ILE A 57 21.61 -4.28 10.88
N THR A 58 21.47 -4.95 9.74
CA THR A 58 21.43 -4.24 8.47
C THR A 58 20.16 -4.59 7.71
N ARG A 59 19.62 -3.61 7.02
CA ARG A 59 18.45 -3.78 6.18
C ARG A 59 18.64 -3.03 4.88
N GLU A 60 18.22 -3.64 3.77
CA GLU A 60 18.22 -2.99 2.46
C GLU A 60 16.92 -2.24 2.27
N ILE A 61 17.01 -0.95 1.95
CA ILE A 61 15.84 -0.06 1.91
C ILE A 61 15.81 0.65 0.56
N PHE A 62 14.70 0.48 -0.15
CA PHE A 62 14.45 1.14 -1.42
C PHE A 62 14.01 2.58 -1.15
N GLU A 63 14.79 3.53 -1.68
CA GLU A 63 14.60 4.96 -1.45
C GLU A 63 14.17 5.57 -2.77
N ARG A 64 12.91 6.00 -2.83
CA ARG A 64 12.34 6.51 -4.07
C ARG A 64 11.55 7.78 -3.80
N GLY A 65 11.83 8.48 -2.72
CA GLY A 65 11.06 9.65 -2.38
C GLY A 65 9.66 9.28 -1.90
N HIS A 66 8.82 10.30 -1.86
CA HIS A 66 7.47 10.25 -1.31
C HIS A 66 6.50 10.87 -2.28
N ALA A 67 5.21 10.55 -2.09
CA ALA A 67 4.20 10.89 -3.09
C ALA A 67 3.01 11.60 -2.47
N ALA A 68 2.32 12.34 -3.35
CA ALA A 68 1.01 12.90 -3.10
C ALA A 68 0.01 12.16 -3.98
N VAL A 69 -1.12 11.81 -3.40
CA VAL A 69 -2.19 11.07 -4.08
C VAL A 69 -3.48 11.85 -3.93
N LEU A 70 -4.25 11.95 -5.01
CA LEU A 70 -5.53 12.65 -5.01
C LEU A 70 -6.65 11.70 -5.43
N LEU A 71 -7.64 11.55 -4.56
CA LEU A 71 -8.91 10.93 -4.92
C LEU A 71 -9.79 12.02 -5.49
N PRO A 72 -10.08 12.03 -6.81
CA PRO A 72 -10.94 13.09 -7.36
C PRO A 72 -12.39 12.67 -7.24
N PHE A 73 -13.15 13.35 -6.40
CA PHE A 73 -14.52 12.97 -6.06
C PHE A 73 -15.46 14.12 -6.41
N ASP A 74 -16.51 13.80 -7.14
CA ASP A 74 -17.54 14.77 -7.46
C ASP A 74 -18.69 14.53 -6.51
N PRO A 75 -18.90 15.39 -5.51
CA PRO A 75 -19.92 15.11 -4.50
C PRO A 75 -21.33 15.38 -4.99
N VAL A 76 -21.49 16.18 -6.04
CA VAL A 76 -22.81 16.42 -6.60
C VAL A 76 -23.30 15.16 -7.30
N ARG A 77 -22.44 14.58 -8.13
N ARG A 77 -22.45 14.58 -8.16
CA ARG A 77 -22.80 13.43 -8.94
CA ARG A 77 -22.82 13.43 -8.95
C ARG A 77 -22.49 12.10 -8.27
C ARG A 77 -22.46 12.10 -8.29
N ASP A 78 -21.75 12.10 -7.17
CA ASP A 78 -21.33 10.88 -6.50
C ASP A 78 -20.48 10.02 -7.44
N GLU A 79 -19.51 10.66 -8.09
CA GLU A 79 -18.67 10.04 -9.10
C GLU A 79 -17.20 10.18 -8.69
N VAL A 80 -16.41 9.22 -9.16
CA VAL A 80 -14.96 9.19 -8.94
C VAL A 80 -14.27 9.19 -10.29
N VAL A 81 -13.15 9.91 -10.37
CA VAL A 81 -12.32 9.91 -11.56
C VAL A 81 -11.13 9.00 -11.30
N LEU A 82 -10.92 8.05 -12.21
CA LEU A 82 -9.78 7.14 -12.21
C LEU A 82 -8.89 7.46 -13.41
N VAL A 83 -7.61 7.16 -13.27
CA VAL A 83 -6.68 7.27 -14.38
C VAL A 83 -6.07 5.91 -14.67
N GLU A 84 -5.96 5.58 -15.95
CA GLU A 84 -5.42 4.31 -16.39
C GLU A 84 -4.07 4.53 -17.05
N GLN A 85 -3.08 3.75 -16.67
CA GLN A 85 -1.76 3.83 -17.29
C GLN A 85 -1.02 2.54 -17.00
N ILE A 86 -0.04 2.25 -17.84
CA ILE A 86 0.77 1.05 -17.66
C ILE A 86 1.70 1.22 -16.46
N ARG A 87 1.79 0.17 -15.66
CA ARG A 87 2.75 0.08 -14.56
C ARG A 87 3.47 -1.24 -14.79
N ILE A 88 4.67 -1.19 -15.37
CA ILE A 88 5.29 -2.44 -15.80
C ILE A 88 5.57 -3.37 -14.62
N ALA A 89 5.80 -2.83 -13.43
CA ALA A 89 6.05 -3.69 -12.27
C ALA A 89 4.88 -4.59 -11.92
N ALA A 90 3.67 -4.25 -12.38
CA ALA A 90 2.51 -5.08 -12.13
C ALA A 90 2.49 -6.33 -13.00
N TYR A 91 3.33 -6.40 -14.03
CA TYR A 91 3.20 -7.40 -15.09
C TYR A 91 3.19 -8.83 -14.53
N ASP A 92 4.14 -9.17 -13.66
CA ASP A 92 4.34 -10.56 -13.31
C ASP A 92 3.22 -11.14 -12.46
N THR A 93 2.41 -10.31 -11.80
CA THR A 93 1.40 -10.83 -10.87
C THR A 93 -0.02 -10.39 -11.22
N SER A 94 -0.22 -9.76 -12.37
CA SER A 94 -1.50 -9.18 -12.73
C SER A 94 -1.91 -9.64 -14.12
N GLU A 95 -3.22 -9.56 -14.40
CA GLU A 95 -3.68 -9.96 -15.72
C GLU A 95 -3.20 -8.99 -16.79
N SER A 96 -3.10 -7.70 -16.46
CA SER A 96 -2.61 -6.70 -17.37
C SER A 96 -1.79 -5.70 -16.56
N PRO A 97 -0.71 -5.15 -17.13
CA PRO A 97 0.03 -4.12 -16.42
C PRO A 97 -0.63 -2.76 -16.48
N TRP A 98 -1.70 -2.57 -17.26
CA TRP A 98 -2.45 -1.32 -17.22
C TRP A 98 -3.34 -1.33 -15.99
N LEU A 99 -3.18 -0.32 -15.14
CA LEU A 99 -3.89 -0.24 -13.87
C LEU A 99 -4.80 0.98 -13.82
N LEU A 100 -5.89 0.84 -13.07
CA LEU A 100 -6.78 1.95 -12.73
C LEU A 100 -6.36 2.50 -11.37
N GLU A 101 -6.02 3.79 -11.32
CA GLU A 101 -5.36 4.36 -10.16
C GLU A 101 -5.88 5.75 -9.85
N MET A 102 -5.40 6.28 -8.72
CA MET A 102 -5.58 7.66 -8.34
C MET A 102 -4.54 8.53 -9.01
N VAL A 103 -4.92 9.78 -9.27
CA VAL A 103 -3.96 10.82 -9.61
C VAL A 103 -2.88 10.85 -8.54
N ALA A 104 -1.63 10.90 -8.95
CA ALA A 104 -0.55 10.84 -7.97
C ALA A 104 0.76 11.28 -8.58
N GLY A 105 1.65 11.82 -7.76
CA GLY A 105 2.98 12.12 -8.22
C GLY A 105 3.97 12.32 -7.10
N MET A 106 5.24 12.33 -7.51
N MET A 106 5.24 12.36 -7.49
CA MET A 106 6.34 12.54 -6.58
CA MET A 106 6.31 12.48 -6.52
C MET A 106 6.29 13.94 -6.00
C MET A 106 6.45 13.91 -6.03
N ILE A 107 6.67 14.06 -4.73
CA ILE A 107 6.86 15.36 -4.09
C ILE A 107 8.35 15.68 -4.14
N GLU A 108 8.68 16.81 -4.76
CA GLU A 108 10.05 17.28 -4.79
C GLU A 108 10.31 18.21 -3.61
N ALA A 109 11.59 18.51 -3.39
CA ALA A 109 12.01 19.38 -2.31
C ALA A 109 11.26 20.69 -2.33
N GLY A 110 10.69 21.05 -1.17
CA GLY A 110 10.07 22.34 -1.02
C GLY A 110 8.64 22.42 -1.48
N GLU A 111 8.07 21.34 -2.04
CA GLU A 111 6.70 21.33 -2.51
C GLU A 111 5.78 20.82 -1.42
N THR A 112 4.52 21.22 -1.51
CA THR A 112 3.50 20.71 -0.60
C THR A 112 2.75 19.57 -1.26
N VAL A 113 2.16 18.73 -0.41
CA VAL A 113 1.35 17.61 -0.90
C VAL A 113 0.25 18.14 -1.81
N GLU A 114 -0.41 19.20 -1.37
CA GLU A 114 -1.58 19.70 -2.06
C GLU A 114 -1.21 20.35 -3.39
N ASP A 115 -0.07 21.04 -3.46
CA ASP A 115 0.38 21.60 -4.73
C ASP A 115 0.69 20.50 -5.74
N VAL A 116 1.33 19.42 -5.29
CA VAL A 116 1.61 18.32 -6.19
C VAL A 116 0.32 17.67 -6.67
N ALA A 117 -0.61 17.44 -5.74
CA ALA A 117 -1.89 16.85 -6.13
C ALA A 117 -2.60 17.69 -7.18
N ARG A 118 -2.59 19.02 -7.04
N ARG A 118 -2.61 19.02 -7.02
CA ARG A 118 -3.29 19.88 -7.98
CA ARG A 118 -3.28 19.86 -8.01
C ARG A 118 -2.60 19.91 -9.34
C ARG A 118 -2.58 19.79 -9.36
N ARG A 119 -1.26 19.89 -9.35
CA ARG A 119 -0.53 19.86 -10.62
C ARG A 119 -0.75 18.53 -11.33
N GLU A 120 -0.70 17.42 -10.58
CA GLU A 120 -0.92 16.12 -11.21
C GLU A 120 -2.37 15.97 -11.68
N ALA A 121 -3.33 16.53 -10.96
CA ALA A 121 -4.72 16.42 -11.43
C ALA A 121 -4.87 17.11 -12.78
N LEU A 122 -4.19 18.23 -13.00
CA LEU A 122 -4.26 18.89 -14.28
C LEU A 122 -3.50 18.11 -15.35
N GLU A 123 -2.28 17.64 -15.03
CA GLU A 123 -1.46 16.97 -16.02
C GLU A 123 -2.01 15.61 -16.40
N GLU A 124 -2.58 14.90 -15.43
CA GLU A 124 -2.97 13.52 -15.61
C GLU A 124 -4.44 13.33 -15.93
N ALA A 125 -5.29 14.30 -15.61
CA ALA A 125 -6.72 14.15 -15.85
C ALA A 125 -7.39 15.41 -16.37
N GLY A 126 -6.64 16.50 -16.59
CA GLY A 126 -7.23 17.73 -17.08
C GLY A 126 -8.17 18.37 -16.11
N LEU A 127 -7.98 18.12 -14.81
CA LEU A 127 -8.97 18.45 -13.79
C LEU A 127 -8.51 19.62 -12.93
N GLU A 128 -9.40 20.58 -12.75
CA GLU A 128 -9.29 21.57 -11.69
C GLU A 128 -9.89 20.98 -10.42
N VAL A 129 -9.30 21.34 -9.29
CA VAL A 129 -9.71 20.83 -7.98
C VAL A 129 -10.22 21.99 -7.15
N GLY A 130 -11.33 21.76 -6.45
CA GLY A 130 -11.87 22.76 -5.55
C GLY A 130 -11.39 22.56 -4.14
N ARG A 131 -12.31 22.28 -3.23
CA ARG A 131 -11.96 22.02 -1.84
C ARG A 131 -11.19 20.72 -1.74
N THR A 132 -10.43 20.57 -0.64
CA THR A 132 -9.70 19.34 -0.37
C THR A 132 -9.77 19.02 1.12
N LYS A 133 -9.63 17.73 1.41
CA LYS A 133 -9.54 17.23 2.78
C LYS A 133 -8.49 16.12 2.79
N PRO A 134 -7.72 15.98 3.85
CA PRO A 134 -6.83 14.81 3.95
C PRO A 134 -7.64 13.54 4.15
N ILE A 135 -7.15 12.47 3.56
CA ILE A 135 -7.62 11.11 3.84
C ILE A 135 -6.68 10.53 4.89
N LEU A 136 -5.51 10.08 4.45
N LEU A 136 -5.51 10.09 4.47
CA LEU A 136 -4.54 9.34 5.26
CA LEU A 136 -4.50 9.64 5.41
C LEU A 136 -3.17 9.53 4.63
C LEU A 136 -3.18 9.49 4.67
N SER A 137 -2.12 9.37 5.43
CA SER A 137 -0.76 9.26 4.94
C SER A 137 -0.21 7.92 5.40
N TYR A 138 0.27 7.10 4.47
CA TYR A 138 0.66 5.74 4.77
C TYR A 138 2.04 5.40 4.22
N LEU A 139 2.66 4.42 4.85
CA LEU A 139 3.89 3.81 4.37
C LEU A 139 3.53 2.65 3.44
N ALA A 140 4.02 2.69 2.21
CA ALA A 140 3.64 1.68 1.22
C ALA A 140 4.00 0.26 1.63
N SER A 141 5.19 0.06 2.16
CA SER A 141 5.69 -1.28 2.48
C SER A 141 6.95 -1.12 3.32
N PRO A 142 6.80 -0.75 4.59
CA PRO A 142 7.94 -0.24 5.35
C PRO A 142 8.97 -1.28 5.78
N GLY A 143 8.78 -2.57 5.49
CA GLY A 143 9.84 -3.52 5.71
C GLY A 143 10.99 -3.35 4.74
N GLY A 144 10.73 -2.76 3.57
CA GLY A 144 11.72 -2.68 2.52
C GLY A 144 11.81 -1.37 1.77
N THR A 145 10.90 -0.42 1.98
CA THR A 145 10.97 0.87 1.31
C THR A 145 10.54 1.96 2.29
N SER A 146 11.15 3.12 2.14
CA SER A 146 10.79 4.25 2.99
C SER A 146 9.56 5.00 2.48
N GLU A 147 9.01 4.64 1.34
CA GLU A 147 8.04 5.49 0.67
C GLU A 147 6.80 5.73 1.52
N ARG A 148 6.47 7.01 1.66
CA ARG A 148 5.23 7.47 2.26
C ARG A 148 4.41 8.16 1.19
N LEU A 149 3.10 7.91 1.22
CA LEU A 149 2.17 8.52 0.28
C LEU A 149 1.07 9.20 1.09
N SER A 150 0.80 10.45 0.77
CA SER A 150 -0.19 11.26 1.48
C SER A 150 -1.37 11.46 0.56
N ILE A 151 -2.53 10.96 0.97
CA ILE A 151 -3.73 10.96 0.15
C ILE A 151 -4.63 12.11 0.60
N LEU A 152 -5.15 12.85 -0.38
CA LEU A 152 -6.16 13.87 -0.22
C LEU A 152 -7.38 13.48 -1.04
N VAL A 153 -8.57 13.88 -0.62
CA VAL A 153 -9.74 13.88 -1.49
C VAL A 153 -9.93 15.30 -2.01
N GLY A 154 -10.16 15.43 -3.30
CA GLY A 154 -10.33 16.70 -3.96
C GLY A 154 -11.67 16.80 -4.65
N GLU A 155 -12.35 17.91 -4.44
CA GLU A 155 -13.65 18.15 -5.06
C GLU A 155 -13.47 18.46 -6.54
N VAL A 156 -14.15 17.71 -7.40
CA VAL A 156 -14.06 17.93 -8.83
C VAL A 156 -15.44 17.91 -9.45
N ASP A 157 -15.52 18.42 -10.67
CA ASP A 157 -16.69 18.30 -11.54
C ASP A 157 -16.36 17.17 -12.52
N ALA A 158 -16.90 15.98 -12.26
CA ALA A 158 -16.51 14.83 -13.07
C ALA A 158 -16.92 14.96 -14.53
N SER A 159 -17.87 15.83 -14.85
CA SER A 159 -18.24 16.03 -16.25
C SER A 159 -17.10 16.65 -17.04
N THR A 160 -16.11 17.24 -16.37
CA THR A 160 -14.97 17.82 -17.05
C THR A 160 -13.80 16.85 -17.19
N ALA A 161 -13.96 15.62 -16.69
CA ALA A 161 -12.90 14.62 -16.66
C ALA A 161 -13.10 13.66 -17.82
N LYS A 162 -12.22 13.72 -18.82
CA LYS A 162 -12.34 12.86 -19.98
C LYS A 162 -11.09 12.97 -20.84
N GLY A 163 -10.81 11.91 -21.58
CA GLY A 163 -9.79 11.92 -22.61
C GLY A 163 -8.45 11.39 -22.15
N ILE A 164 -7.46 11.68 -22.97
CA ILE A 164 -6.09 11.16 -22.83
C ILE A 164 -5.19 12.30 -22.37
N HIS A 165 -4.44 12.04 -21.31
CA HIS A 165 -3.62 13.07 -20.67
C HIS A 165 -2.25 12.45 -20.39
N GLY A 166 -1.56 13.02 -19.42
CA GLY A 166 -0.16 12.70 -19.20
C GLY A 166 0.76 13.55 -20.05
N LEU A 167 1.98 13.72 -19.56
CA LEU A 167 2.98 14.47 -20.31
C LEU A 167 3.66 13.52 -21.30
N ALA A 168 3.28 13.63 -22.57
CA ALA A 168 3.79 12.71 -23.59
C ALA A 168 5.30 12.80 -23.72
N GLU A 169 5.88 13.98 -23.44
CA GLU A 169 7.32 14.15 -23.53
C GLU A 169 8.07 13.41 -22.43
N GLU A 170 7.39 13.05 -21.35
CA GLU A 170 7.99 12.20 -20.31
C GLU A 170 7.47 10.77 -20.37
N ASN A 171 6.91 10.35 -21.51
CA ASN A 171 6.46 8.98 -21.70
C ASN A 171 5.31 8.63 -20.75
N GLU A 172 4.42 9.59 -20.48
N GLU A 172 4.49 9.62 -20.46
CA GLU A 172 3.29 9.40 -19.57
CA GLU A 172 3.29 9.44 -19.66
C GLU A 172 2.00 9.46 -20.36
C GLU A 172 2.11 9.39 -20.62
N ASP A 173 1.36 8.29 -20.57
CA ASP A 173 0.17 8.12 -21.40
C ASP A 173 -0.95 7.64 -20.49
N ILE A 174 -1.98 8.49 -20.30
CA ILE A 174 -2.96 8.28 -19.24
C ILE A 174 -4.36 8.45 -19.83
N ARG A 175 -5.25 7.52 -19.52
CA ARG A 175 -6.64 7.61 -19.95
C ARG A 175 -7.55 7.83 -18.75
N VAL A 176 -8.43 8.81 -18.86
CA VAL A 176 -9.37 9.10 -17.80
C VAL A 176 -10.58 8.19 -17.91
N HIS A 177 -11.04 7.70 -16.76
CA HIS A 177 -12.28 6.94 -16.63
C HIS A 177 -13.09 7.56 -15.51
N VAL A 178 -14.37 7.76 -15.75
CA VAL A 178 -15.28 8.23 -14.72
C VAL A 178 -16.27 7.12 -14.40
N VAL A 179 -16.43 6.83 -13.10
CA VAL A 179 -17.34 5.81 -12.62
C VAL A 179 -18.13 6.41 -11.47
N SER A 180 -19.24 5.77 -11.12
CA SER A 180 -19.88 6.17 -9.86
C SER A 180 -19.03 5.67 -8.69
N ARG A 181 -19.22 6.29 -7.53
CA ARG A 181 -18.55 5.82 -6.32
C ARG A 181 -18.84 4.35 -6.06
N GLU A 182 -20.10 3.94 -6.13
CA GLU A 182 -20.43 2.55 -5.84
C GLU A 182 -19.78 1.62 -6.85
N GLN A 183 -19.71 2.05 -8.11
CA GLN A 183 -19.04 1.25 -9.13
C GLN A 183 -17.55 1.12 -8.83
N ALA A 184 -16.88 2.21 -8.47
CA ALA A 184 -15.46 2.14 -8.13
C ALA A 184 -15.22 1.18 -6.96
N TYR A 185 -16.07 1.23 -5.94
CA TYR A 185 -15.89 0.34 -4.81
C TYR A 185 -16.15 -1.12 -5.18
N GLN A 186 -17.17 -1.36 -6.01
CA GLN A 186 -17.35 -2.71 -6.53
C GLN A 186 -16.11 -3.21 -7.25
N TRP A 187 -15.46 -2.34 -8.01
CA TRP A 187 -14.23 -2.73 -8.70
C TRP A 187 -13.11 -3.06 -7.73
N VAL A 188 -13.05 -2.39 -6.57
CA VAL A 188 -12.12 -2.80 -5.52
C VAL A 188 -12.47 -4.19 -5.01
N GLU A 189 -13.76 -4.43 -4.71
N GLU A 189 -13.75 -4.41 -4.65
CA GLU A 189 -14.15 -5.71 -4.13
CA GLU A 189 -14.17 -5.70 -4.15
C GLU A 189 -13.95 -6.86 -5.10
C GLU A 189 -13.75 -6.81 -5.11
N GLU A 190 -13.97 -6.60 -6.41
CA GLU A 190 -13.75 -7.61 -7.42
C GLU A 190 -12.29 -7.77 -7.82
N GLY A 191 -11.40 -6.91 -7.33
CA GLY A 191 -10.00 -6.99 -7.67
C GLY A 191 -9.62 -6.28 -8.95
N LYS A 192 -10.55 -5.54 -9.55
CA LYS A 192 -10.26 -4.79 -10.77
C LYS A 192 -9.46 -3.53 -10.46
N ILE A 193 -9.58 -3.02 -9.26
CA ILE A 193 -8.71 -1.98 -8.70
C ILE A 193 -7.99 -2.64 -7.54
N ASP A 194 -6.66 -2.71 -7.62
CA ASP A 194 -5.89 -3.49 -6.64
C ASP A 194 -4.51 -2.90 -6.38
N ASN A 195 -4.37 -1.59 -6.45
CA ASN A 195 -3.17 -0.91 -5.99
C ASN A 195 -3.46 -0.19 -4.68
N ALA A 196 -2.48 -0.16 -3.79
CA ALA A 196 -2.71 0.29 -2.42
C ALA A 196 -3.35 1.66 -2.35
N ALA A 197 -2.84 2.63 -3.11
CA ALA A 197 -3.34 4.00 -2.97
C ALA A 197 -4.83 4.06 -3.29
N SER A 198 -5.25 3.36 -4.34
CA SER A 198 -6.66 3.40 -4.74
C SER A 198 -7.54 2.62 -3.78
N VAL A 199 -7.07 1.45 -3.32
CA VAL A 199 -7.84 0.67 -2.37
C VAL A 199 -8.06 1.48 -1.09
N ILE A 200 -6.99 2.08 -0.56
CA ILE A 200 -7.12 2.86 0.67
C ILE A 200 -8.08 4.03 0.46
N ALA A 201 -7.90 4.77 -0.64
CA ALA A 201 -8.73 5.94 -0.89
C ALA A 201 -10.20 5.55 -1.03
N LEU A 202 -10.47 4.47 -1.77
CA LEU A 202 -11.86 4.10 -2.05
C LEU A 202 -12.53 3.43 -0.85
N GLN A 203 -11.79 2.68 -0.03
N GLN A 203 -11.79 2.64 -0.07
CA GLN A 203 -12.36 2.17 1.21
CA GLN A 203 -12.33 2.18 1.20
C GLN A 203 -12.65 3.31 2.18
C GLN A 203 -12.71 3.38 2.05
N TRP A 204 -11.77 4.32 2.20
CA TRP A 204 -12.05 5.50 3.01
C TRP A 204 -13.31 6.19 2.52
N LEU A 205 -13.44 6.33 1.21
CA LEU A 205 -14.61 7.00 0.66
C LEU A 205 -15.89 6.24 1.02
N GLN A 206 -15.83 4.91 0.99
CA GLN A 206 -17.02 4.14 1.35
C GLN A 206 -17.38 4.34 2.81
N LEU A 207 -16.40 4.62 3.66
CA LEU A 207 -16.66 4.87 5.07
C LEU A 207 -17.03 6.32 5.37
N HIS A 208 -16.76 7.26 4.47
CA HIS A 208 -16.94 8.68 4.76
C HIS A 208 -17.82 9.44 3.80
N TYR A 209 -18.35 8.81 2.75
CA TYR A 209 -19.00 9.58 1.69
C TYR A 209 -20.21 10.36 2.18
N HIS A 210 -20.99 9.79 3.10
CA HIS A 210 -22.20 10.49 3.52
C HIS A 210 -21.87 11.84 4.14
N ASN A 211 -20.93 11.87 5.08
CA ASN A 211 -20.58 13.15 5.69
C ASN A 211 -19.89 14.06 4.70
N LEU A 212 -19.05 13.51 3.81
CA LEU A 212 -18.34 14.34 2.84
C LEU A 212 -19.29 14.98 1.85
N ARG A 213 -20.25 14.21 1.33
CA ARG A 213 -21.22 14.79 0.41
C ARG A 213 -22.04 15.87 1.10
N ASN A 214 -22.38 15.67 2.37
CA ASN A 214 -23.12 16.69 3.09
C ASN A 214 -22.28 17.96 3.25
N GLU A 215 -21.00 17.80 3.61
CA GLU A 215 -20.14 18.95 3.80
C GLU A 215 -19.99 19.75 2.51
N TRP A 216 -19.87 19.07 1.38
CA TRP A 216 -19.56 19.74 0.13
C TRP A 216 -20.79 20.09 -0.70
N THR A 217 -21.99 19.79 -0.22
CA THR A 217 -23.19 20.23 -0.91
C THR A 217 -24.08 21.02 0.03
N GLN B 14 -18.63 -0.63 -17.07
CA GLN B 14 -17.98 0.40 -17.85
C GLN B 14 -16.65 -0.05 -18.44
N GLN B 15 -16.68 -1.11 -19.24
CA GLN B 15 -15.52 -1.57 -20.00
C GLN B 15 -14.34 -1.89 -19.09
N GLY B 16 -13.71 -0.88 -18.52
CA GLY B 16 -12.51 -1.08 -17.70
C GLY B 16 -11.23 -0.78 -18.45
N ILE B 17 -10.16 -1.54 -18.16
CA ILE B 17 -8.85 -1.25 -18.76
C ILE B 17 -8.87 -1.51 -20.26
N THR B 18 -7.93 -0.86 -20.93
CA THR B 18 -7.95 -0.76 -22.38
C THR B 18 -7.05 -1.78 -23.07
N PHE B 19 -5.95 -2.16 -22.42
CA PHE B 19 -4.90 -2.94 -23.06
C PHE B 19 -4.53 -4.12 -22.18
N SER B 20 -3.94 -5.14 -22.81
CA SER B 20 -3.60 -6.41 -22.19
C SER B 20 -2.10 -6.67 -22.33
N LYS B 21 -1.66 -7.85 -21.89
CA LYS B 21 -0.25 -8.22 -22.06
C LYS B 21 0.15 -8.33 -23.52
N ASN B 22 -0.82 -8.55 -24.42
CA ASN B 22 -0.52 -8.55 -25.85
C ASN B 22 -0.02 -7.21 -26.33
N ASP B 23 -0.25 -6.15 -25.57
CA ASP B 23 -0.03 -4.78 -26.01
C ASP B 23 1.25 -4.20 -25.46
N VAL B 24 2.06 -5.00 -24.79
CA VAL B 24 3.35 -4.57 -24.28
C VAL B 24 4.38 -5.62 -24.64
N GLU B 25 5.58 -5.16 -25.00
CA GLU B 25 6.70 -6.04 -25.28
C GLU B 25 7.80 -5.71 -24.27
N ILE B 26 8.13 -6.67 -23.42
CA ILE B 26 9.25 -6.53 -22.50
C ILE B 26 10.49 -6.99 -23.26
N ILE B 27 11.32 -6.02 -23.63
CA ILE B 27 12.48 -6.30 -24.48
C ILE B 27 13.55 -7.01 -23.68
N ALA B 28 13.75 -6.60 -22.43
CA ALA B 28 14.79 -7.18 -21.61
C ALA B 28 14.57 -6.73 -20.18
N ARG B 29 15.04 -7.53 -19.26
CA ARG B 29 15.20 -7.15 -17.87
C ARG B 29 16.67 -7.31 -17.53
N GLU B 30 17.16 -6.43 -16.66
CA GLU B 30 18.56 -6.48 -16.22
C GLU B 30 18.58 -6.33 -14.71
N THR B 31 19.31 -7.16 -14.00
CA THR B 31 19.47 -6.98 -12.56
C THR B 31 20.62 -6.02 -12.35
N LEU B 32 20.32 -4.85 -11.76
CA LEU B 32 21.29 -3.81 -11.49
C LEU B 32 21.95 -3.97 -10.13
N TYR B 33 21.27 -4.61 -9.19
CA TYR B 33 21.78 -4.87 -7.86
C TYR B 33 21.12 -6.15 -7.37
N ARG B 34 21.91 -7.04 -6.78
CA ARG B 34 21.36 -8.21 -6.11
C ARG B 34 22.03 -8.37 -4.75
N GLY B 35 21.22 -8.40 -3.72
CA GLY B 35 21.68 -8.69 -2.38
C GLY B 35 20.60 -9.52 -1.73
N PHE B 36 20.04 -9.03 -0.61
CA PHE B 36 18.88 -9.70 -0.05
C PHE B 36 17.69 -9.53 -0.96
N PHE B 37 17.47 -8.32 -1.47
CA PHE B 37 16.52 -8.01 -2.51
C PHE B 37 17.26 -7.67 -3.80
N SER B 38 16.52 -7.31 -4.84
CA SER B 38 17.10 -6.95 -6.12
C SER B 38 16.49 -5.65 -6.62
N LEU B 39 17.26 -4.97 -7.47
CA LEU B 39 16.76 -3.84 -8.25
C LEU B 39 16.97 -4.21 -9.70
N ASP B 40 15.88 -4.26 -10.46
CA ASP B 40 15.89 -4.67 -11.85
C ASP B 40 15.53 -3.49 -12.73
N LEU B 41 16.09 -3.48 -13.92
CA LEU B 41 15.74 -2.51 -14.93
C LEU B 41 14.89 -3.23 -15.97
N TYR B 42 13.63 -2.83 -16.10
CA TYR B 42 12.77 -3.36 -17.15
C TYR B 42 12.88 -2.44 -18.36
N ARG B 43 13.01 -3.03 -19.54
CA ARG B 43 13.10 -2.29 -20.80
C ARG B 43 11.95 -2.79 -21.67
N PHE B 44 11.08 -1.88 -22.13
CA PHE B 44 9.83 -2.29 -22.76
C PHE B 44 9.30 -1.20 -23.69
N ARG B 45 8.36 -1.60 -24.55
CA ARG B 45 7.55 -0.67 -25.32
C ARG B 45 6.10 -1.10 -25.21
N HIS B 46 5.19 -0.15 -25.40
CA HIS B 46 3.79 -0.45 -25.14
C HIS B 46 2.87 0.39 -26.01
N ARG B 47 1.66 -0.13 -26.21
CA ARG B 47 0.66 0.61 -26.97
C ARG B 47 0.28 1.90 -26.27
N LEU B 48 -0.02 2.91 -27.08
CA LEU B 48 -0.48 4.20 -26.64
C LEU B 48 -1.98 4.31 -26.88
N PHE B 49 -2.64 5.09 -26.00
CA PHE B 49 -4.08 5.24 -26.11
C PHE B 49 -4.51 5.84 -27.44
N ASN B 50 -3.73 6.76 -28.00
CA ASN B 50 -4.10 7.43 -29.23
C ASN B 50 -3.67 6.66 -30.48
N GLY B 51 -3.13 5.45 -30.33
CA GLY B 51 -2.93 4.64 -31.51
C GLY B 51 -1.78 3.65 -31.53
N GLY B 52 -0.56 4.14 -31.66
CA GLY B 52 0.58 3.33 -32.03
C GLY B 52 1.33 2.74 -30.84
N MET B 53 2.63 2.58 -31.01
CA MET B 53 3.50 2.02 -30.01
C MET B 53 4.47 3.08 -29.50
N SER B 54 4.77 3.02 -28.21
CA SER B 54 5.79 3.86 -27.62
C SER B 54 7.17 3.44 -28.15
N GLY B 55 8.14 4.29 -27.93
CA GLY B 55 9.53 3.88 -28.04
C GLY B 55 9.93 3.05 -26.84
N GLU B 56 11.21 2.74 -26.77
CA GLU B 56 11.71 1.96 -25.67
C GLU B 56 11.73 2.81 -24.40
N ILE B 57 11.18 2.25 -23.33
CA ILE B 57 11.08 2.89 -22.03
C ILE B 57 11.82 2.00 -21.04
N THR B 58 12.46 2.60 -20.04
CA THR B 58 13.10 1.82 -18.99
C THR B 58 12.59 2.28 -17.62
N ARG B 59 12.44 1.32 -16.72
CA ARG B 59 11.99 1.59 -15.36
C ARG B 59 12.80 0.75 -14.39
N GLU B 60 13.20 1.36 -13.27
CA GLU B 60 13.88 0.67 -12.18
C GLU B 60 12.83 0.09 -11.24
N ILE B 61 12.88 -1.20 -10.99
CA ILE B 61 11.83 -1.89 -10.23
C ILE B 61 12.47 -2.63 -9.07
N PHE B 62 12.02 -2.32 -7.86
CA PHE B 62 12.46 -3.01 -6.66
C PHE B 62 11.76 -4.36 -6.58
N GLU B 63 12.54 -5.43 -6.54
CA GLU B 63 12.05 -6.81 -6.55
C GLU B 63 12.36 -7.44 -5.20
N ARG B 64 11.31 -7.74 -4.45
CA ARG B 64 11.47 -8.32 -3.12
C ARG B 64 10.51 -9.49 -2.91
N GLY B 65 10.03 -10.09 -3.99
CA GLY B 65 9.02 -11.11 -3.83
C GLY B 65 7.69 -10.54 -3.35
N HIS B 66 6.85 -11.45 -2.86
CA HIS B 66 5.47 -11.16 -2.49
C HIS B 66 5.18 -11.69 -1.10
N ALA B 67 4.08 -11.23 -0.53
CA ALA B 67 3.83 -11.45 0.88
C ALA B 67 2.40 -11.92 1.14
N ALA B 68 2.26 -12.61 2.27
CA ALA B 68 0.97 -13.00 2.83
C ALA B 68 0.78 -12.21 4.12
N VAL B 69 -0.43 -11.69 4.32
CA VAL B 69 -0.75 -10.83 5.44
C VAL B 69 -1.96 -11.43 6.12
N LEU B 70 -1.95 -11.45 7.45
CA LEU B 70 -3.07 -11.97 8.21
C LEU B 70 -3.55 -10.94 9.22
N LEU B 71 -4.82 -10.56 9.09
CA LEU B 71 -5.51 -9.76 10.09
C LEU B 71 -6.06 -10.71 11.14
N PRO B 72 -5.53 -10.74 12.37
CA PRO B 72 -6.08 -11.65 13.39
C PRO B 72 -7.26 -11.00 14.09
N PHE B 73 -8.45 -11.54 13.87
CA PHE B 73 -9.71 -11.00 14.38
C PHE B 73 -10.39 -12.02 15.28
N ASP B 74 -10.79 -11.58 16.47
CA ASP B 74 -11.55 -12.40 17.40
C ASP B 74 -12.99 -11.99 17.27
N PRO B 75 -13.84 -12.78 16.63
CA PRO B 75 -15.23 -12.36 16.41
C PRO B 75 -16.10 -12.44 17.65
N VAL B 76 -15.68 -13.22 18.66
CA VAL B 76 -16.42 -13.28 19.91
C VAL B 76 -16.28 -11.98 20.66
N ARG B 77 -15.07 -11.42 20.66
CA ARG B 77 -14.74 -10.28 21.48
C ARG B 77 -14.68 -8.99 20.68
N ASP B 78 -14.78 -9.05 19.35
CA ASP B 78 -14.62 -7.88 18.49
C ASP B 78 -13.27 -7.20 18.73
N GLU B 79 -12.21 -8.01 18.71
CA GLU B 79 -10.87 -7.54 19.01
C GLU B 79 -9.94 -7.93 17.88
N VAL B 80 -8.87 -7.16 17.72
CA VAL B 80 -7.80 -7.48 16.79
C VAL B 80 -6.50 -7.62 17.55
N VAL B 81 -5.63 -8.48 17.03
CA VAL B 81 -4.29 -8.62 17.54
C VAL B 81 -3.34 -7.89 16.59
N LEU B 82 -2.55 -6.99 17.14
CA LEU B 82 -1.53 -6.27 16.38
C LEU B 82 -0.16 -6.74 16.81
N VAL B 83 0.80 -6.68 15.89
CA VAL B 83 2.18 -7.00 16.22
C VAL B 83 3.04 -5.75 16.06
N GLU B 84 3.93 -5.53 17.00
CA GLU B 84 4.80 -4.36 17.00
C GLU B 84 6.23 -4.79 16.74
N GLN B 85 6.89 -4.12 15.80
CA GLN B 85 8.31 -4.36 15.54
C GLN B 85 8.89 -3.15 14.86
N ILE B 86 10.22 -3.05 14.94
CA ILE B 86 10.89 -1.95 14.28
C ILE B 86 10.93 -2.17 12.79
N ARG B 87 10.64 -1.10 12.06
CA ARG B 87 10.74 -1.02 10.60
C ARG B 87 11.62 0.19 10.33
N ILE B 88 12.92 -0.02 10.13
CA ILE B 88 13.82 1.13 10.12
C ILE B 88 13.50 2.06 8.95
N ALA B 89 12.92 1.55 7.87
CA ALA B 89 12.60 2.41 6.73
C ALA B 89 11.58 3.48 7.09
N ALA B 90 10.81 3.28 8.16
CA ALA B 90 9.85 4.29 8.59
C ALA B 90 10.50 5.48 9.26
N TYR B 91 11.78 5.36 9.65
CA TYR B 91 12.43 6.34 10.52
C TYR B 91 12.30 7.76 9.98
N ASP B 92 12.60 7.98 8.71
CA ASP B 92 12.77 9.36 8.26
C ASP B 92 11.45 10.12 8.14
N THR B 93 10.30 9.44 8.18
CA THR B 93 9.03 10.11 7.99
C THR B 93 8.03 9.84 9.13
N SER B 94 8.49 9.23 10.22
CA SER B 94 7.61 8.81 11.30
C SER B 94 8.20 9.24 12.64
N GLU B 95 7.33 9.43 13.63
CA GLU B 95 7.83 9.77 14.96
C GLU B 95 8.66 8.64 15.56
N SER B 96 8.28 7.39 15.30
CA SER B 96 9.04 6.23 15.75
C SER B 96 9.04 5.17 14.66
N PRO B 97 10.14 4.42 14.54
CA PRO B 97 10.16 3.33 13.55
C PRO B 97 9.51 2.06 14.03
N TRP B 98 9.10 1.98 15.29
CA TRP B 98 8.35 0.82 15.76
C TRP B 98 6.90 1.00 15.33
N LEU B 99 6.39 0.07 14.54
CA LEU B 99 5.06 0.16 13.96
C LEU B 99 4.14 -0.93 14.51
N LEU B 100 2.84 -0.62 14.54
CA LEU B 100 1.78 -1.59 14.85
C LEU B 100 1.25 -2.13 13.52
N GLU B 101 1.34 -3.45 13.33
CA GLU B 101 1.13 -4.05 12.02
C GLU B 101 0.32 -5.34 12.11
N MET B 102 -0.02 -5.83 10.93
CA MET B 102 -0.57 -7.16 10.74
C MET B 102 0.55 -8.20 10.75
N VAL B 103 0.19 -9.43 11.12
CA VAL B 103 1.06 -10.57 10.87
C VAL B 103 1.35 -10.64 9.38
N ALA B 104 2.60 -10.87 9.02
CA ALA B 104 2.94 -10.87 7.61
C ALA B 104 4.28 -11.57 7.38
N GLY B 105 4.38 -12.27 6.26
CA GLY B 105 5.61 -12.93 5.93
C GLY B 105 5.78 -13.07 4.43
N MET B 106 7.04 -13.23 4.06
N MET B 106 7.03 -13.26 4.05
CA MET B 106 7.41 -13.44 2.67
CA MET B 106 7.35 -13.40 2.63
C MET B 106 6.92 -14.82 2.23
C MET B 106 7.07 -14.82 2.16
N ILE B 107 6.47 -14.91 0.98
CA ILE B 107 6.09 -16.19 0.40
C ILE B 107 7.28 -16.74 -0.36
N GLU B 108 7.67 -17.97 -0.01
CA GLU B 108 8.73 -18.69 -0.71
C GLU B 108 8.12 -19.64 -1.73
N ALA B 109 8.98 -20.15 -2.61
CA ALA B 109 8.52 -21.01 -3.70
C ALA B 109 7.74 -22.21 -3.17
N GLY B 110 6.58 -22.45 -3.75
CA GLY B 110 5.77 -23.61 -3.42
C GLY B 110 4.84 -23.45 -2.24
N GLU B 111 4.86 -22.32 -1.55
N GLU B 111 4.87 -22.31 -1.57
CA GLU B 111 4.00 -22.11 -0.38
CA GLU B 111 4.01 -22.05 -0.43
C GLU B 111 2.84 -21.19 -0.73
C GLU B 111 2.77 -21.29 -0.90
N THR B 112 1.66 -21.54 -0.24
CA THR B 112 0.44 -20.79 -0.52
C THR B 112 0.31 -19.62 0.46
N VAL B 113 -0.48 -18.65 0.06
CA VAL B 113 -0.78 -17.52 0.94
C VAL B 113 -1.27 -18.02 2.29
N GLU B 114 -2.21 -18.96 2.28
CA GLU B 114 -2.79 -19.41 3.55
C GLU B 114 -1.77 -20.14 4.41
N ASP B 115 -0.93 -20.97 3.80
CA ASP B 115 0.13 -21.64 4.55
C ASP B 115 1.03 -20.63 5.23
N VAL B 116 1.45 -19.60 4.50
CA VAL B 116 2.37 -18.63 5.08
C VAL B 116 1.69 -17.85 6.20
N ALA B 117 0.45 -17.40 5.95
CA ALA B 117 -0.27 -16.63 6.95
C ALA B 117 -0.42 -17.40 8.26
N ARG B 118 -0.78 -18.69 8.17
CA ARG B 118 -0.94 -19.47 9.38
C ARG B 118 0.39 -19.70 10.10
N ARG B 119 1.45 -19.97 9.35
CA ARG B 119 2.75 -20.17 9.98
C ARG B 119 3.24 -18.90 10.65
N GLU B 120 3.14 -17.77 9.95
CA GLU B 120 3.62 -16.52 10.52
C GLU B 120 2.80 -16.11 11.72
N ALA B 121 1.50 -16.42 11.73
CA ALA B 121 0.70 -16.07 12.90
C ALA B 121 1.24 -16.76 14.14
N LEU B 122 1.71 -18.00 14.00
CA LEU B 122 2.31 -18.70 15.14
C LEU B 122 3.67 -18.10 15.50
N GLU B 123 4.54 -17.89 14.50
CA GLU B 123 5.89 -17.40 14.76
C GLU B 123 5.86 -15.98 15.32
N GLU B 124 4.98 -15.13 14.82
CA GLU B 124 5.05 -13.71 15.12
C GLU B 124 4.16 -13.30 16.27
N ALA B 125 3.13 -14.09 16.58
CA ALA B 125 2.17 -13.70 17.60
C ALA B 125 1.76 -14.84 18.51
N GLY B 126 2.26 -16.06 18.30
CA GLY B 126 1.88 -17.18 19.12
C GLY B 126 0.45 -17.62 18.91
N LEU B 127 -0.16 -17.27 17.78
CA LEU B 127 -1.59 -17.44 17.58
C LEU B 127 -1.89 -18.68 16.76
N GLU B 128 -2.77 -19.54 17.29
CA GLU B 128 -3.45 -20.52 16.45
C GLU B 128 -4.57 -19.80 15.73
N VAL B 129 -4.79 -20.18 14.48
CA VAL B 129 -5.80 -19.57 13.63
C VAL B 129 -6.84 -20.63 13.31
N GLY B 130 -8.11 -20.26 13.43
CA GLY B 130 -9.20 -21.12 13.02
C GLY B 130 -9.52 -20.94 11.55
N ARG B 131 -10.70 -20.41 11.26
CA ARG B 131 -11.06 -20.14 9.88
C ARG B 131 -10.31 -18.94 9.33
N THR B 132 -10.19 -18.91 8.00
CA THR B 132 -9.66 -17.76 7.30
C THR B 132 -10.59 -17.42 6.14
N LYS B 133 -10.51 -16.16 5.71
CA LYS B 133 -11.24 -15.69 4.55
C LYS B 133 -10.37 -14.69 3.84
N PRO B 134 -10.38 -14.65 2.51
CA PRO B 134 -9.64 -13.59 1.83
C PRO B 134 -10.24 -12.21 2.04
N ILE B 135 -9.37 -11.22 2.14
CA ILE B 135 -9.77 -9.81 2.17
C ILE B 135 -9.55 -9.28 0.75
N LEU B 136 -8.31 -9.03 0.38
N LEU B 136 -8.29 -9.01 0.40
CA LEU B 136 -7.98 -8.62 -0.97
CA LEU B 136 -7.90 -8.35 -0.85
C LEU B 136 -6.48 -8.71 -1.15
C LEU B 136 -6.45 -8.74 -1.12
N SER B 137 -6.06 -8.66 -2.40
CA SER B 137 -4.67 -8.76 -2.81
C SER B 137 -4.29 -7.51 -3.56
N TYR B 138 -3.21 -6.84 -3.14
CA TYR B 138 -2.90 -5.51 -3.68
C TYR B 138 -1.43 -5.38 -4.02
N LEU B 139 -1.16 -4.47 -4.94
CA LEU B 139 0.18 -4.03 -5.27
C LEU B 139 0.56 -2.87 -4.36
N ALA B 140 1.68 -3.01 -3.66
CA ALA B 140 2.07 -2.02 -2.66
C ALA B 140 2.32 -0.65 -3.25
N SER B 141 3.02 -0.58 -4.38
CA SER B 141 3.43 0.70 -4.97
C SER B 141 3.95 0.41 -6.37
N PRO B 142 3.06 0.16 -7.32
CA PRO B 142 3.48 -0.47 -8.57
C PRO B 142 4.19 0.42 -9.57
N GLY B 143 4.40 1.71 -9.27
CA GLY B 143 5.27 2.49 -10.12
C GLY B 143 6.74 2.16 -9.93
N GLY B 144 7.11 1.58 -8.80
CA GLY B 144 8.48 1.30 -8.48
C GLY B 144 8.81 -0.04 -7.87
N THR B 145 7.81 -0.85 -7.50
CA THR B 145 8.07 -2.17 -6.95
C THR B 145 7.01 -3.14 -7.46
N SER B 146 7.43 -4.38 -7.70
CA SER B 146 6.51 -5.42 -8.12
C SER B 146 5.72 -6.04 -6.97
N GLU B 147 6.00 -5.65 -5.74
CA GLU B 147 5.48 -6.39 -4.59
C GLU B 147 3.96 -6.43 -4.56
N ARG B 148 3.43 -7.65 -4.42
CA ARG B 148 2.02 -7.91 -4.20
C ARG B 148 1.87 -8.53 -2.81
N LEU B 149 0.84 -8.11 -2.09
CA LEU B 149 0.53 -8.62 -0.77
C LEU B 149 -0.89 -9.14 -0.80
N SER B 150 -1.10 -10.34 -0.27
CA SER B 150 -2.41 -10.96 -0.23
C SER B 150 -2.84 -11.07 1.22
N ILE B 151 -3.96 -10.43 1.56
CA ILE B 151 -4.45 -10.33 2.92
C ILE B 151 -5.56 -11.34 3.14
N LEU B 152 -5.48 -12.07 4.25
CA LEU B 152 -6.55 -12.88 4.79
C LEU B 152 -6.96 -12.31 6.14
N VAL B 153 -8.21 -12.54 6.52
CA VAL B 153 -8.61 -12.37 7.91
C VAL B 153 -8.64 -13.76 8.55
N GLY B 154 -8.12 -13.85 9.75
CA GLY B 154 -8.02 -15.13 10.44
C GLY B 154 -8.67 -15.10 11.79
N GLU B 155 -9.45 -16.13 12.09
CA GLU B 155 -10.17 -16.25 13.35
C GLU B 155 -9.21 -16.63 14.47
N VAL B 156 -9.16 -15.82 15.53
CA VAL B 156 -8.29 -16.10 16.66
C VAL B 156 -9.04 -15.89 17.98
N ASP B 157 -8.47 -16.43 19.05
CA ASP B 157 -8.88 -16.16 20.43
C ASP B 157 -7.92 -15.11 20.97
N ALA B 158 -8.37 -13.87 21.04
CA ALA B 158 -7.48 -12.79 21.44
C ALA B 158 -7.10 -12.87 22.91
N SER B 159 -7.82 -13.65 23.72
CA SER B 159 -7.44 -13.83 25.12
C SER B 159 -6.15 -14.65 25.26
N THR B 160 -5.73 -15.35 24.20
CA THR B 160 -4.50 -16.13 24.20
C THR B 160 -3.31 -15.34 23.70
N ALA B 161 -3.54 -14.11 23.24
CA ALA B 161 -2.51 -13.35 22.52
C ALA B 161 -1.73 -12.49 23.51
N LYS B 162 -0.45 -12.80 23.66
CA LYS B 162 0.37 -12.04 24.59
C LYS B 162 1.82 -12.34 24.31
N GLY B 163 2.68 -11.46 24.80
CA GLY B 163 4.08 -11.77 24.91
C GLY B 163 4.92 -11.28 23.75
N ILE B 164 6.15 -11.79 23.77
CA ILE B 164 7.21 -11.42 22.82
C ILE B 164 7.48 -12.63 21.94
N HIS B 165 7.49 -12.41 20.63
CA HIS B 165 7.62 -13.48 19.66
C HIS B 165 8.59 -13.03 18.58
N GLY B 166 8.50 -13.66 17.41
CA GLY B 166 9.47 -13.47 16.36
C GLY B 166 10.62 -14.45 16.45
N LEU B 167 11.32 -14.61 15.33
CA LEU B 167 12.47 -15.49 15.24
C LEU B 167 13.73 -14.72 15.60
N ALA B 168 14.26 -14.97 16.80
CA ALA B 168 15.49 -14.30 17.22
C ALA B 168 16.64 -14.60 16.28
N GLU B 169 16.69 -15.83 15.74
CA GLU B 169 17.75 -16.21 14.81
C GLU B 169 17.72 -15.38 13.53
N GLU B 170 16.63 -14.65 13.28
CA GLU B 170 16.55 -13.73 12.16
C GLU B 170 16.45 -12.27 12.62
N ASN B 171 16.76 -12.00 13.89
CA ASN B 171 16.71 -10.63 14.44
C ASN B 171 15.31 -10.05 14.30
N GLU B 172 14.30 -10.87 14.55
CA GLU B 172 12.90 -10.50 14.43
C GLU B 172 12.34 -10.49 15.85
N ASP B 173 12.10 -9.29 16.37
CA ASP B 173 11.70 -9.06 17.76
C ASP B 173 10.33 -8.40 17.72
N ILE B 174 9.29 -9.11 18.18
CA ILE B 174 7.90 -8.71 17.97
C ILE B 174 7.15 -8.76 19.30
N ARG B 175 6.37 -7.71 19.57
CA ARG B 175 5.50 -7.64 20.75
C ARG B 175 4.04 -7.68 20.32
N VAL B 176 3.24 -8.48 21.01
CA VAL B 176 1.82 -8.62 20.70
C VAL B 176 1.01 -7.59 21.47
N HIS B 177 0.03 -7.00 20.79
CA HIS B 177 -0.92 -6.10 21.42
C HIS B 177 -2.33 -6.54 21.04
N VAL B 178 -3.25 -6.44 21.98
CA VAL B 178 -4.65 -6.73 21.73
C VAL B 178 -5.43 -5.46 21.98
N VAL B 179 -6.25 -5.06 21.01
CA VAL B 179 -7.14 -3.92 21.17
C VAL B 179 -8.50 -4.23 20.57
N SER B 180 -9.49 -3.44 20.93
CA SER B 180 -10.78 -3.55 20.28
C SER B 180 -10.64 -3.19 18.81
N ARG B 181 -11.52 -3.76 17.98
CA ARG B 181 -11.60 -3.32 16.59
C ARG B 181 -11.78 -1.81 16.53
N GLU B 182 -12.66 -1.26 17.36
CA GLU B 182 -12.94 0.17 17.25
C GLU B 182 -11.70 0.99 17.56
N GLN B 183 -10.92 0.59 18.55
CA GLN B 183 -9.67 1.30 18.85
C GLN B 183 -8.68 1.19 17.71
N ALA B 184 -8.52 -0.01 17.15
CA ALA B 184 -7.61 -0.17 16.02
C ALA B 184 -8.01 0.74 14.87
N TYR B 185 -9.30 0.77 14.55
CA TYR B 185 -9.74 1.65 13.46
C TYR B 185 -9.55 3.12 13.81
N GLN B 186 -9.85 3.52 15.05
CA GLN B 186 -9.58 4.91 15.41
C GLN B 186 -8.09 5.24 15.28
N TRP B 187 -7.22 4.28 15.55
CA TRP B 187 -5.79 4.51 15.36
C TRP B 187 -5.44 4.67 13.89
N VAL B 188 -6.14 3.99 12.99
CA VAL B 188 -5.98 4.29 11.57
C VAL B 188 -6.39 5.72 11.29
N GLU B 189 -7.54 6.14 11.79
CA GLU B 189 -8.01 7.49 11.49
C GLU B 189 -7.06 8.54 12.02
N GLU B 190 -6.43 8.28 13.18
CA GLU B 190 -5.54 9.23 13.82
C GLU B 190 -4.10 9.18 13.28
N GLY B 191 -3.78 8.20 12.44
CA GLY B 191 -2.44 8.07 11.92
C GLY B 191 -1.49 7.28 12.78
N LYS B 192 -1.97 6.66 13.88
CA LYS B 192 -1.10 5.84 14.72
C LYS B 192 -0.86 4.45 14.14
N ILE B 193 -1.74 4.00 13.25
CA ILE B 193 -1.49 2.85 12.38
C ILE B 193 -1.52 3.41 10.98
N ASP B 194 -0.37 3.30 10.27
CA ASP B 194 -0.23 3.99 8.99
C ASP B 194 0.64 3.22 8.03
N ASN B 195 0.68 1.91 8.13
CA ASN B 195 1.28 1.06 7.11
C ASN B 195 0.17 0.47 6.23
N ALA B 196 0.42 0.38 4.93
CA ALA B 196 -0.64 0.05 3.98
C ALA B 196 -1.38 -1.23 4.35
N ALA B 197 -0.67 -2.29 4.70
CA ALA B 197 -1.35 -3.56 4.91
C ALA B 197 -2.35 -3.46 6.06
N SER B 198 -1.99 -2.77 7.14
CA SER B 198 -2.89 -2.64 8.28
C SER B 198 -4.02 -1.67 7.96
N VAL B 199 -3.74 -0.58 7.25
CA VAL B 199 -4.79 0.35 6.87
C VAL B 199 -5.83 -0.35 6.01
N ILE B 200 -5.38 -1.10 5.00
CA ILE B 200 -6.31 -1.78 4.10
C ILE B 200 -7.11 -2.81 4.87
N ALA B 201 -6.43 -3.62 5.68
CA ALA B 201 -7.13 -4.68 6.41
C ALA B 201 -8.12 -4.12 7.41
N LEU B 202 -7.76 -3.07 8.14
CA LEU B 202 -8.65 -2.52 9.15
C LEU B 202 -9.79 -1.72 8.54
N GLN B 203 -9.54 -1.02 7.43
N GLN B 203 -9.57 -1.06 7.40
CA GLN B 203 -10.66 -0.43 6.70
CA GLN B 203 -10.69 -0.41 6.73
C GLN B 203 -11.64 -1.51 6.28
C GLN B 203 -11.66 -1.46 6.16
N TRP B 204 -11.13 -2.56 5.64
CA TRP B 204 -11.99 -3.67 5.24
C TRP B 204 -12.78 -4.18 6.42
N LEU B 205 -12.12 -4.36 7.56
CA LEU B 205 -12.83 -4.88 8.73
C LEU B 205 -13.92 -3.92 9.17
N GLN B 206 -13.67 -2.63 9.10
CA GLN B 206 -14.67 -1.65 9.51
C GLN B 206 -15.89 -1.73 8.60
N LEU B 207 -15.70 -2.08 7.33
CA LEU B 207 -16.82 -2.23 6.40
C LEU B 207 -17.52 -3.58 6.51
N HIS B 208 -16.86 -4.63 7.01
CA HIS B 208 -17.39 -5.99 6.95
C HIS B 208 -17.57 -6.69 8.28
N TYR B 209 -17.24 -6.05 9.40
CA TYR B 209 -17.18 -6.80 10.64
C TYR B 209 -18.52 -7.36 11.06
N HIS B 210 -19.62 -6.66 10.78
CA HIS B 210 -20.89 -7.13 11.29
C HIS B 210 -21.23 -8.48 10.69
N ASN B 211 -21.11 -8.59 9.37
CA ASN B 211 -21.38 -9.87 8.74
C ASN B 211 -20.35 -10.92 9.14
N LEU B 212 -19.09 -10.53 9.27
CA LEU B 212 -18.06 -11.50 9.65
C LEU B 212 -18.31 -12.08 11.03
N ARG B 213 -18.67 -11.24 12.01
CA ARG B 213 -18.97 -11.76 13.34
C ARG B 213 -20.15 -12.72 13.30
N ASN B 214 -21.19 -12.39 12.54
CA ASN B 214 -22.34 -13.30 12.42
C ASN B 214 -21.91 -14.62 11.80
N GLU B 215 -21.04 -14.56 10.78
CA GLU B 215 -20.60 -15.78 10.11
C GLU B 215 -19.79 -16.68 11.04
N TRP B 216 -18.91 -16.08 11.84
CA TRP B 216 -17.98 -16.87 12.64
C TRP B 216 -18.45 -17.16 14.07
N THR B 217 -19.59 -16.65 14.53
CA THR B 217 -20.08 -17.05 15.85
C THR B 217 -21.33 -17.91 15.77
N LYS B 218 -21.77 -18.24 14.56
CA LYS B 218 -22.92 -19.11 14.36
C LYS B 218 -22.75 -20.43 15.09
MG MG C . 2.29 12.55 -13.24
MG MG D . 1.07 9.67 -11.58
PB ADP E . 4.00 8.14 -11.25
PB ADP E . 4.04 8.56 -9.90
O1B ADP E . 2.74 8.22 -10.42
O1B ADP E . 2.56 8.51 -10.25
O2B ADP E . 5.11 7.27 -10.69
O2B ADP E . 4.71 7.21 -9.85
O3B ADP E . 3.76 7.87 -12.71
O3B ADP E . 4.35 9.39 -8.67
PA ADP E . 5.96 10.07 -10.55
PA ADP E . 5.09 8.59 -12.46
O1A ADP E . 5.88 11.56 -10.20
O1A ADP E . 4.22 9.05 -13.62
O2A ADP E . 6.38 9.06 -9.51
O2A ADP E . 5.16 7.14 -12.13
O3A ADP E . 4.60 9.64 -11.29
O3A ADP E . 4.67 9.40 -11.13
O5' ADP E . 6.99 9.94 -11.76
O5' ADP E . 6.60 9.04 -12.75
C5' ADP E . 6.81 10.76 -12.90
C5' ADP E . 6.93 10.28 -13.38
C4' ADP E . 7.79 10.28 -13.94
C4' ADP E . 8.20 10.07 -14.15
O4' ADP E . 8.99 9.77 -13.34
O4' ADP E . 9.23 9.58 -13.28
C3' ADP E . 7.23 9.12 -14.76
C3' ADP E . 8.08 9.02 -15.26
O3' ADP E . 6.34 9.57 -15.76
O3' ADP E . 7.56 9.56 -16.48
C2' ADP E . 8.52 8.50 -15.25
C2' ADP E . 9.51 8.55 -15.37
O2' ADP E . 9.02 9.19 -16.39
O2' ADP E . 10.20 9.49 -16.19
C1' ADP E . 9.49 8.68 -14.10
C1' ADP E . 10.02 8.60 -13.94
N9 ADP E . 9.47 7.42 -13.34
N9 ADP E . 9.83 7.30 -13.25
C8 ADP E . 8.48 7.00 -12.53
C8 ADP E . 8.77 6.92 -12.50
N7 ADP E . 8.77 5.79 -12.00
N7 ADP E . 8.92 5.65 -12.04
C5 ADP E . 9.96 5.43 -12.47
C5 ADP E . 10.10 5.22 -12.51
C6 ADP E . 10.84 4.27 -12.32
C6 ADP E . 10.87 3.99 -12.41
N6 ADP E . 10.43 3.28 -11.52
N6 ADP E . 10.33 3.00 -11.69
N1 ADP E . 12.01 4.25 -12.97
N1 ADP E . 12.05 3.91 -13.02
C2 ADP E . 12.39 5.26 -13.78
C2 ADP E . 12.55 4.93 -13.74
N3 ADP E . 11.64 6.36 -13.98
N3 ADP E . 11.89 6.10 -13.88
C4 ADP E . 10.43 6.49 -13.37
C4 ADP E . 10.69 6.28 -13.29
MG MG F . 8.00 -13.37 10.20
MG MG G . 6.77 -10.42 9.29
PB ADP H . 8.50 -9.05 6.78
PB ADP H . 8.19 -9.19 6.67
O1B ADP H . 9.79 -8.36 7.21
O1B ADP H . 8.51 -10.66 6.50
O2B ADP H . 7.36 -9.17 7.79
O2B ADP H . 8.25 -8.36 5.40
O3B ADP H . 8.05 -8.57 5.41
O3B ADP H . 6.98 -8.93 7.54
PA ADP H . 9.07 -11.92 7.30
PA ADP H . 10.29 -9.61 8.45
O1A ADP H . 8.26 -11.83 8.58
O1A ADP H . 9.36 -10.65 9.04
O2A ADP H . 8.86 -13.08 6.33
O2A ADP H . 11.12 -8.73 9.36
O3A ADP H . 9.03 -10.55 6.44
O3A ADP H . 9.41 -8.62 7.54
O5' ADP H . 10.60 -11.92 7.75
O5' ADP H . 11.26 -10.39 7.45
C5' ADP H . 11.58 -11.75 6.77
C5' ADP H . 11.80 -11.65 7.82
C4' ADP H . 12.94 -11.63 7.43
C4' ADP H . 13.31 -11.62 7.71
O4' ADP H . 13.78 -11.25 6.35
O4' ADP H . 13.68 -11.13 6.41
C3' ADP H . 13.14 -10.59 8.53
C3' ADP H . 13.99 -10.69 8.69
O3' ADP H . 12.93 -11.09 9.86
O3' ADP H . 14.21 -11.31 9.96
C2' ADP H . 14.59 -10.18 8.26
C2' ADP H . 15.28 -10.36 7.97
O2' ADP H . 15.46 -11.11 8.88
O2' ADP H . 16.26 -11.37 8.19
C1' ADP H . 14.73 -10.29 6.75
C1' ADP H . 14.87 -10.38 6.50
N9 ADP H . 14.41 -8.98 6.11
N9 ADP H . 14.59 -9.00 6.05
C8 ADP H . 13.19 -8.44 6.01
C8 ADP H . 13.42 -8.35 6.17
N7 ADP H . 13.26 -7.23 5.40
N7 ADP H . 13.49 -7.10 5.67
C5 ADP H . 14.56 -7.02 5.13
C5 ADP H . 14.75 -6.96 5.23
C6 ADP H . 15.31 -5.95 4.49
C6 ADP H . 15.52 -5.90 4.59
N6 ADP H . 14.67 -4.87 4.06
N6 ADP H . 14.92 -4.73 4.34
N1 ADP H . 16.64 -6.10 4.37
N1 ADP H . 16.81 -6.13 4.26
C2 ADP H . 17.27 -7.20 4.83
C2 ADP H . 17.41 -7.31 4.52
N3 ADP H . 16.65 -8.22 5.43
N3 ADP H . 16.77 -8.32 5.12
C4 ADP H . 15.31 -8.17 5.59
C4 ADP H . 15.48 -8.20 5.48
#